data_4AO7
#
_entry.id   4AO7
#
_cell.length_a   55.660
_cell.length_b   70.030
_cell.length_c   53.950
_cell.angle_alpha   90.00
_cell.angle_beta   90.00
_cell.angle_gamma   90.00
#
_symmetry.space_group_name_H-M   'P 21 21 2'
#
loop_
_entity.id
_entity.type
_entity.pdbx_description
1 polymer ESTERASE
2 non-polymer 'ZINC ION'
3 water water
#
_entity_poly.entity_id   1
_entity_poly.type   'polypeptide(L)'
_entity_poly.pdbx_seq_one_letter_code
;MRGSHHHHHHGSMRHQMSWNGKDERKLSVQERGFSLEVDGRTVPGVYWSPAEGSSDRLVLLGHGGTTHKKVEYIEQVAKL
LVGRGISAMAIDGPGHGERASVQAGREPTDVVGLDAFPRMWHEGGGTAAVIADWAAALDFIEAEEGPRPTGWWGLSMGTM
MGLPVTASDKRIKVALLGLMGVEGVNGEDLVRLAPQVTCPVRYLLQWDDELVSLQSGLELFGKLGTKQKTLHVNPGKHSA
VPTWEMFAGTVDYLDQRLK
;
_entity_poly.pdbx_strand_id   A
#
loop_
_chem_comp.id
_chem_comp.type
_chem_comp.name
_chem_comp.formula
ZN non-polymer 'ZINC ION' 'Zn 2'
#
# COMPACT_ATOMS: atom_id res chain seq x y z
N MET A 17 -4.35 -13.23 -16.38
CA MET A 17 -3.09 -13.03 -15.63
C MET A 17 -1.93 -13.26 -16.58
N SER A 18 -1.20 -12.20 -16.90
CA SER A 18 -0.04 -12.32 -17.81
C SER A 18 0.86 -11.09 -17.78
N TRP A 19 2.14 -11.32 -18.06
CA TRP A 19 3.13 -10.26 -18.14
C TRP A 19 2.91 -9.37 -19.36
N ASN A 20 3.27 -8.10 -19.18
CA ASN A 20 3.58 -7.11 -20.22
C ASN A 20 3.13 -5.68 -19.84
N GLY A 21 4.05 -4.71 -19.85
CA GLY A 21 5.48 -4.87 -20.21
C GLY A 21 6.03 -3.58 -20.81
N LYS A 22 7.35 -3.33 -20.74
CA LYS A 22 8.35 -4.07 -19.96
C LYS A 22 9.62 -3.18 -19.91
N ASP A 23 10.54 -3.45 -18.99
CA ASP A 23 11.74 -2.59 -18.83
C ASP A 23 13.00 -3.36 -18.42
N GLU A 24 14.14 -2.67 -18.49
CA GLU A 24 15.47 -3.31 -18.46
C GLU A 24 16.12 -3.52 -17.09
N ARG A 25 16.83 -4.67 -16.96
CA ARG A 25 18.36 -4.76 -16.55
C ARG A 25 19.30 -4.09 -16.41
N LYS A 26 20.20 -3.23 -16.90
CA LYS A 26 20.79 -2.19 -16.07
C LYS A 26 19.69 -0.44 -16.12
N LEU A 27 19.30 0.37 -15.07
CA LEU A 27 19.90 0.43 -13.74
C LEU A 27 19.72 -0.92 -13.05
N SER A 28 20.25 -1.04 -11.83
CA SER A 28 20.08 -2.21 -10.96
C SER A 28 18.64 -2.65 -10.67
N VAL A 29 17.67 -1.76 -10.93
CA VAL A 29 16.26 -2.05 -10.68
C VAL A 29 15.53 -2.38 -11.99
N GLN A 30 15.08 -3.62 -12.11
CA GLN A 30 14.27 -4.07 -13.25
C GLN A 30 12.78 -3.73 -13.05
N GLU A 31 12.07 -3.45 -14.14
CA GLU A 31 10.64 -3.13 -14.11
C GLU A 31 9.89 -3.93 -15.19
N ARG A 32 8.88 -4.68 -14.78
N ARG A 32 8.92 -4.74 -14.77
CA ARG A 32 8.09 -5.50 -15.71
CA ARG A 32 8.06 -5.51 -15.67
C ARG A 32 6.60 -5.22 -15.51
C ARG A 32 6.62 -5.09 -15.48
N GLY A 33 5.93 -4.80 -16.59
CA GLY A 33 4.51 -4.56 -16.58
C GLY A 33 3.77 -5.88 -16.63
N PHE A 34 2.57 -5.90 -16.07
CA PHE A 34 1.67 -7.04 -16.21
C PHE A 34 0.24 -6.55 -16.20
N SER A 35 -0.68 -7.47 -16.42
CA SER A 35 -2.07 -7.13 -16.58
C SER A 35 -2.91 -8.30 -16.10
N LEU A 36 -4.01 -8.00 -15.43
CA LEU A 36 -4.90 -9.04 -14.92
C LEU A 36 -6.31 -8.79 -15.40
N GLU A 37 -7.08 -9.86 -15.55
CA GLU A 37 -8.52 -9.79 -15.78
C GLU A 37 -9.18 -10.40 -14.54
N VAL A 38 -9.92 -9.59 -13.78
CA VAL A 38 -10.52 -10.02 -12.51
C VAL A 38 -11.98 -9.58 -12.44
N ASP A 39 -12.88 -10.54 -12.14
CA ASP A 39 -14.33 -10.26 -11.98
C ASP A 39 -14.92 -9.29 -13.01
N GLY A 40 -14.41 -9.33 -14.25
CA GLY A 40 -14.89 -8.47 -15.34
C GLY A 40 -13.97 -7.30 -15.65
N ARG A 41 -13.13 -6.91 -14.68
CA ARG A 41 -12.27 -5.74 -14.82
C ARG A 41 -10.89 -6.13 -15.36
N THR A 42 -10.26 -5.19 -16.06
CA THR A 42 -8.88 -5.33 -16.51
C THR A 42 -8.00 -4.52 -15.56
N VAL A 43 -7.02 -5.17 -14.94
CA VAL A 43 -6.22 -4.53 -13.88
C VAL A 43 -4.73 -4.49 -14.24
N PRO A 44 -4.21 -3.28 -14.54
CA PRO A 44 -2.80 -3.10 -14.86
C PRO A 44 -1.89 -3.08 -13.62
N GLY A 45 -0.71 -3.67 -13.77
CA GLY A 45 0.26 -3.74 -12.69
C GLY A 45 1.69 -3.56 -13.15
N VAL A 46 2.56 -3.36 -12.16
CA VAL A 46 3.98 -3.26 -12.36
C VAL A 46 4.72 -4.03 -11.25
N TYR A 47 5.81 -4.66 -11.65
CA TYR A 47 6.68 -5.42 -10.77
C TYR A 47 8.11 -4.89 -10.84
N TRP A 48 8.64 -4.49 -9.68
CA TRP A 48 10.02 -4.00 -9.58
C TRP A 48 10.85 -5.04 -8.85
N SER A 49 12.03 -5.37 -9.39
CA SER A 49 12.89 -6.38 -8.77
C SER A 49 14.37 -6.09 -9.08
N PRO A 50 15.30 -6.71 -8.33
CA PRO A 50 16.72 -6.51 -8.63
C PRO A 50 17.12 -7.01 -10.01
N ALA A 51 18.06 -6.30 -10.63
CA ALA A 51 18.57 -6.67 -11.96
C ALA A 51 19.21 -8.05 -11.90
N GLU A 52 20.11 -8.21 -10.93
CA GLU A 52 20.68 -9.51 -10.58
C GLU A 52 20.67 -9.62 -9.05
N GLY A 53 20.24 -10.76 -8.52
CA GLY A 53 19.72 -11.88 -9.30
C GLY A 53 18.43 -12.44 -8.70
N SER A 54 18.34 -12.45 -7.37
CA SER A 54 17.16 -12.91 -6.65
C SER A 54 16.82 -12.00 -5.48
N SER A 55 15.58 -12.10 -5.02
CA SER A 55 14.99 -11.18 -4.02
C SER A 55 14.11 -12.02 -3.12
N ASP A 56 14.39 -12.06 -1.82
N ASP A 56 14.41 -11.98 -1.83
CA ASP A 56 13.68 -12.98 -0.92
CA ASP A 56 13.84 -12.84 -0.80
C ASP A 56 12.46 -12.39 -0.23
C ASP A 56 12.49 -12.39 -0.25
N ARG A 57 12.12 -11.13 -0.51
CA ARG A 57 10.96 -10.49 0.13
C ARG A 57 10.22 -9.63 -0.86
N LEU A 58 8.95 -9.34 -0.55
CA LEU A 58 8.07 -8.59 -1.45
C LEU A 58 7.23 -7.58 -0.65
N VAL A 59 7.04 -6.39 -1.22
CA VAL A 59 6.11 -5.41 -0.68
C VAL A 59 5.11 -5.00 -1.77
N LEU A 60 3.85 -4.92 -1.39
CA LEU A 60 2.79 -4.43 -2.26
C LEU A 60 2.64 -2.94 -2.00
N LEU A 61 2.64 -2.16 -3.09
CA LEU A 61 2.59 -0.69 -3.00
C LEU A 61 1.23 -0.17 -3.48
N GLY A 62 0.47 0.38 -2.53
CA GLY A 62 -0.83 0.96 -2.82
C GLY A 62 -0.76 2.45 -3.00
N HIS A 63 -1.44 2.97 -4.01
CA HIS A 63 -1.48 4.42 -4.21
C HIS A 63 -2.73 4.85 -4.91
N GLY A 64 -3.00 6.15 -4.86
CA GLY A 64 -4.15 6.76 -5.53
C GLY A 64 -3.75 7.77 -6.57
N GLU A 72 4.17 8.91 -8.09
CA GLU A 72 5.62 9.11 -8.18
C GLU A 72 6.28 8.60 -6.89
N TYR A 73 5.76 9.00 -5.74
CA TYR A 73 6.37 8.53 -4.49
C TYR A 73 6.41 6.98 -4.42
N ILE A 74 5.44 6.29 -5.04
CA ILE A 74 5.46 4.82 -5.07
C ILE A 74 6.64 4.25 -5.89
N GLU A 75 6.98 4.86 -7.03
CA GLU A 75 8.21 4.42 -7.72
C GLU A 75 9.49 4.69 -6.91
N GLN A 76 9.54 5.80 -6.19
CA GLN A 76 10.69 6.16 -5.32
C GLN A 76 10.85 5.13 -4.22
N VAL A 77 9.73 4.77 -3.56
CA VAL A 77 9.76 3.77 -2.51
C VAL A 77 10.19 2.42 -3.09
N ALA A 78 9.66 2.07 -4.26
CA ALA A 78 10.02 0.79 -4.91
C ALA A 78 11.51 0.66 -5.19
N LYS A 79 12.10 1.72 -5.72
CA LYS A 79 13.56 1.76 -5.92
C LYS A 79 14.39 1.51 -4.65
N LEU A 80 14.04 2.19 -3.57
CA LEU A 80 14.75 2.01 -2.30
C LEU A 80 14.59 0.57 -1.76
N LEU A 81 13.37 0.02 -1.83
CA LEU A 81 13.12 -1.37 -1.38
C LEU A 81 13.98 -2.36 -2.14
N VAL A 82 14.00 -2.24 -3.46
CA VAL A 82 14.84 -3.12 -4.28
C VAL A 82 16.31 -3.05 -3.85
N GLY A 83 16.79 -1.84 -3.56
CA GLY A 83 18.10 -1.64 -2.97
C GLY A 83 18.36 -2.43 -1.69
N ARG A 84 17.31 -2.79 -0.95
CA ARG A 84 17.44 -3.63 0.25
C ARG A 84 17.17 -5.10 0.00
N GLY A 85 17.03 -5.47 -1.27
CA GLY A 85 16.75 -6.86 -1.65
C GLY A 85 15.28 -7.22 -1.69
N ILE A 86 14.41 -6.21 -1.63
CA ILE A 86 12.97 -6.41 -1.49
C ILE A 86 12.26 -5.99 -2.80
N SER A 87 11.60 -6.93 -3.45
CA SER A 87 10.80 -6.64 -4.64
C SER A 87 9.53 -5.90 -4.27
N ALA A 88 8.93 -5.28 -5.26
CA ALA A 88 7.77 -4.49 -5.00
C ALA A 88 6.80 -4.69 -6.13
N MET A 89 5.51 -4.62 -5.83
CA MET A 89 4.49 -4.77 -6.85
C MET A 89 3.36 -3.80 -6.59
N ALA A 90 2.83 -3.23 -7.67
CA ALA A 90 1.72 -2.29 -7.57
C ALA A 90 0.70 -2.56 -8.66
N ILE A 91 -0.58 -2.53 -8.31
CA ILE A 91 -1.63 -2.44 -9.31
C ILE A 91 -2.35 -1.11 -9.15
N ASP A 92 -3.00 -0.64 -10.22
CA ASP A 92 -3.78 0.60 -10.12
C ASP A 92 -5.11 0.31 -9.46
N GLY A 93 -5.59 1.25 -8.65
CA GLY A 93 -6.89 1.11 -7.99
C GLY A 93 -7.94 2.03 -8.61
N PRO A 94 -9.12 2.11 -7.96
CA PRO A 94 -10.23 2.99 -8.35
C PRO A 94 -9.89 4.48 -8.31
N GLY A 95 -8.83 4.88 -9.00
CA GLY A 95 -8.40 6.27 -9.01
C GLY A 95 -8.56 6.86 -10.40
N THR A 109 -1.69 17.56 -4.70
CA THR A 109 -3.08 17.25 -5.05
C THR A 109 -3.30 15.74 -5.14
N ASP A 110 -4.03 15.22 -4.15
CA ASP A 110 -4.28 13.78 -3.98
C ASP A 110 -5.63 13.46 -4.61
N VAL A 111 -5.71 12.34 -5.34
CA VAL A 111 -6.97 11.91 -5.92
C VAL A 111 -8.12 11.96 -4.90
N VAL A 112 -7.84 11.62 -3.64
CA VAL A 112 -8.87 11.56 -2.60
C VAL A 112 -9.46 12.93 -2.24
N GLY A 113 -8.82 14.01 -2.69
CA GLY A 113 -9.29 15.35 -2.43
C GLY A 113 -10.09 15.96 -3.57
N LEU A 114 -10.34 15.17 -4.61
CA LEU A 114 -11.11 15.61 -5.78
C LEU A 114 -12.60 15.35 -5.56
N ASP A 115 -13.44 16.31 -5.95
CA ASP A 115 -14.88 16.16 -5.72
C ASP A 115 -15.45 14.90 -6.36
N ALA A 116 -14.90 14.48 -7.50
CA ALA A 116 -15.40 13.30 -8.22
C ALA A 116 -14.88 11.96 -7.68
N PHE A 117 -14.05 11.98 -6.63
CA PHE A 117 -13.43 10.72 -6.17
C PHE A 117 -14.43 9.66 -5.67
N PRO A 118 -15.42 10.05 -4.84
CA PRO A 118 -16.38 9.07 -4.33
C PRO A 118 -17.03 8.22 -5.43
N ARG A 119 -17.55 8.89 -6.45
CA ARG A 119 -18.14 8.20 -7.60
C ARG A 119 -17.07 7.33 -8.30
N MET A 120 -15.86 7.87 -8.50
CA MET A 120 -14.72 7.09 -9.06
C MET A 120 -14.49 5.78 -8.30
N TRP A 121 -14.53 5.86 -6.96
CA TRP A 121 -14.31 4.69 -6.09
C TRP A 121 -15.43 3.63 -6.24
N HIS A 122 -16.68 4.11 -6.14
CA HIS A 122 -17.85 3.24 -6.27
C HIS A 122 -17.93 2.60 -7.66
N GLU A 123 -17.59 3.36 -8.69
CA GLU A 123 -17.68 2.85 -10.07
C GLU A 123 -16.59 1.81 -10.33
N GLY A 124 -15.53 1.84 -9.51
CA GLY A 124 -14.42 0.89 -9.60
C GLY A 124 -14.64 -0.42 -8.81
N GLY A 125 -15.79 -0.52 -8.14
CA GLY A 125 -16.13 -1.73 -7.37
C GLY A 125 -15.86 -1.60 -5.88
N GLY A 126 -15.34 -0.45 -5.46
CA GLY A 126 -15.15 -0.16 -4.04
C GLY A 126 -14.19 -1.15 -3.40
N THR A 127 -14.36 -1.34 -2.09
CA THR A 127 -13.44 -2.15 -1.28
C THR A 127 -13.42 -3.63 -1.68
N ALA A 128 -14.59 -4.17 -2.05
CA ALA A 128 -14.65 -5.57 -2.44
C ALA A 128 -13.76 -5.86 -3.63
N ALA A 129 -13.81 -4.98 -4.64
CA ALA A 129 -13.06 -5.18 -5.88
C ALA A 129 -11.58 -5.05 -5.60
N VAL A 130 -11.24 -4.07 -4.76
CA VAL A 130 -9.85 -3.84 -4.35
C VAL A 130 -9.25 -5.10 -3.70
N ILE A 131 -9.99 -5.70 -2.77
CA ILE A 131 -9.56 -6.94 -2.10
C ILE A 131 -9.32 -8.03 -3.14
N ALA A 132 -10.32 -8.25 -4.00
CA ALA A 132 -10.24 -9.25 -5.05
C ALA A 132 -9.05 -9.02 -5.98
N ASP A 133 -8.88 -7.78 -6.44
CA ASP A 133 -7.82 -7.46 -7.40
C ASP A 133 -6.44 -7.70 -6.80
N TRP A 134 -6.24 -7.24 -5.56
CA TRP A 134 -4.97 -7.43 -4.88
C TRP A 134 -4.64 -8.89 -4.56
N ALA A 135 -5.65 -9.67 -4.24
CA ALA A 135 -5.49 -11.08 -3.97
C ALA A 135 -5.05 -11.78 -5.26
N ALA A 136 -5.67 -11.41 -6.37
CA ALA A 136 -5.33 -12.03 -7.66
C ALA A 136 -3.90 -11.61 -8.13
N ALA A 137 -3.56 -10.35 -7.91
CA ALA A 137 -2.22 -9.86 -8.21
C ALA A 137 -1.13 -10.61 -7.41
N LEU A 138 -1.34 -10.76 -6.11
CA LEU A 138 -0.38 -11.46 -5.26
C LEU A 138 -0.32 -12.97 -5.67
N ASP A 139 -1.47 -13.58 -5.91
CA ASP A 139 -1.49 -14.98 -6.44
C ASP A 139 -0.59 -15.14 -7.68
N PHE A 140 -0.76 -14.22 -8.64
CA PHE A 140 0.05 -14.17 -9.85
C PHE A 140 1.53 -14.04 -9.56
N ILE A 141 1.92 -13.07 -8.74
CA ILE A 141 3.32 -12.89 -8.42
C ILE A 141 3.90 -14.11 -7.71
N GLU A 142 3.17 -14.70 -6.79
CA GLU A 142 3.67 -15.90 -6.07
C GLU A 142 3.85 -17.13 -6.99
N ALA A 143 2.97 -17.29 -7.95
CA ALA A 143 3.11 -18.38 -8.93
C ALA A 143 4.35 -18.13 -9.80
N GLU A 144 4.50 -16.89 -10.28
CA GLU A 144 5.59 -16.57 -11.19
C GLU A 144 6.96 -16.45 -10.53
N GLU A 145 7.00 -15.99 -9.26
CA GLU A 145 8.27 -15.64 -8.59
C GLU A 145 8.57 -16.41 -7.32
N GLY A 146 7.58 -17.13 -6.82
CA GLY A 146 7.71 -17.88 -5.58
C GLY A 146 7.07 -17.09 -4.44
N PRO A 147 6.32 -17.77 -3.54
CA PRO A 147 5.79 -17.11 -2.34
C PRO A 147 6.92 -16.66 -1.40
N ARG A 148 6.87 -15.39 -0.98
CA ARG A 148 7.86 -14.81 -0.08
C ARG A 148 7.21 -14.02 1.06
N PRO A 149 7.97 -13.75 2.14
CA PRO A 149 7.42 -12.84 3.15
C PRO A 149 7.03 -11.52 2.50
N THR A 150 5.79 -11.08 2.74
CA THR A 150 5.15 -9.99 1.99
C THR A 150 4.60 -8.92 2.94
N GLY A 151 4.85 -7.65 2.61
CA GLY A 151 4.38 -6.50 3.39
C GLY A 151 3.53 -5.62 2.50
N TRP A 152 2.91 -4.63 3.12
CA TRP A 152 2.14 -3.61 2.45
C TRP A 152 2.73 -2.24 2.75
N TRP A 153 2.74 -1.37 1.75
CA TRP A 153 3.04 0.03 1.92
C TRP A 153 2.00 0.82 1.16
N GLY A 154 1.33 1.75 1.84
CA GLY A 154 0.45 2.68 1.09
C GLY A 154 -0.26 3.67 1.97
N LEU A 155 -0.31 4.93 1.51
CA LEU A 155 -0.87 6.04 2.24
C LEU A 155 -2.08 6.54 1.49
N SER A 156 -3.04 7.10 2.22
CA SER A 156 -4.20 7.78 1.62
C SER A 156 -5.04 6.76 0.87
N MET A 157 -5.19 6.83 -0.46
CA MET A 157 -5.91 5.73 -1.14
C MET A 157 -5.20 4.40 -0.96
N GLY A 158 -3.88 4.47 -0.74
CA GLY A 158 -3.07 3.27 -0.46
C GLY A 158 -3.44 2.59 0.87
N THR A 159 -4.03 3.35 1.78
CA THR A 159 -4.58 2.79 3.02
C THR A 159 -6.08 2.43 2.90
N MET A 160 -6.83 3.19 2.11
CA MET A 160 -8.20 2.76 1.75
C MET A 160 -8.19 1.34 1.18
N MET A 161 -7.15 1.01 0.44
CA MET A 161 -6.94 -0.31 -0.15
C MET A 161 -6.17 -1.21 0.79
N GLY A 162 -5.11 -0.68 1.39
CA GLY A 162 -4.19 -1.52 2.18
C GLY A 162 -4.71 -2.04 3.49
N LEU A 163 -5.53 -1.25 4.18
CA LEU A 163 -6.09 -1.73 5.44
C LEU A 163 -7.06 -2.91 5.15
N PRO A 164 -8.00 -2.78 4.20
CA PRO A 164 -8.80 -3.98 3.85
C PRO A 164 -7.99 -5.18 3.31
N VAL A 165 -6.98 -4.93 2.48
CA VAL A 165 -6.13 -6.02 1.97
C VAL A 165 -5.39 -6.77 3.07
N THR A 166 -4.81 -6.03 4.01
CA THR A 166 -4.05 -6.61 5.10
C THR A 166 -4.99 -7.38 6.05
N ALA A 167 -6.17 -6.84 6.29
CA ALA A 167 -7.19 -7.53 7.07
C ALA A 167 -7.59 -8.84 6.38
N SER A 168 -7.76 -8.81 5.06
CA SER A 168 -8.32 -9.94 4.31
C SER A 168 -7.31 -11.00 3.92
N ASP A 169 -6.05 -10.63 3.76
CA ASP A 169 -5.03 -11.53 3.23
C ASP A 169 -3.91 -11.65 4.24
N LYS A 170 -3.89 -12.79 4.95
CA LYS A 170 -2.89 -13.00 5.98
C LYS A 170 -1.50 -13.31 5.44
N ARG A 171 -1.31 -13.32 4.12
CA ARG A 171 0.06 -13.24 3.59
C ARG A 171 0.78 -11.90 3.92
N ILE A 172 0.02 -10.84 4.24
CA ILE A 172 0.61 -9.57 4.59
C ILE A 172 1.11 -9.66 6.03
N LYS A 173 2.43 -9.62 6.18
CA LYS A 173 3.08 -9.81 7.47
C LYS A 173 3.39 -8.54 8.21
N VAL A 174 3.33 -7.40 7.53
CA VAL A 174 3.58 -6.09 8.14
C VAL A 174 3.02 -5.03 7.19
N ALA A 175 2.52 -3.96 7.74
CA ALA A 175 1.97 -2.88 6.93
C ALA A 175 2.38 -1.50 7.40
N LEU A 176 2.69 -0.68 6.42
CA LEU A 176 2.89 0.76 6.57
C LEU A 176 1.66 1.38 5.93
N LEU A 177 0.92 2.14 6.75
CA LEU A 177 -0.35 2.74 6.38
C LEU A 177 -0.32 4.19 6.85
N GLY A 178 -1.34 4.97 6.51
CA GLY A 178 -1.34 6.33 6.92
C GLY A 178 -2.17 7.27 6.08
N LEU A 179 -2.23 8.51 6.55
CA LEU A 179 -2.93 9.60 5.86
C LEU A 179 -4.38 9.26 5.47
N MET A 180 -5.10 8.70 6.43
CA MET A 180 -6.44 8.21 6.19
C MET A 180 -7.11 8.04 7.53
N GLY A 181 -8.41 8.29 7.56
CA GLY A 181 -9.19 8.17 8.76
C GLY A 181 -10.55 7.57 8.47
N VAL A 182 -11.44 7.70 9.46
CA VAL A 182 -12.74 7.04 9.42
C VAL A 182 -13.77 7.83 8.62
N GLU A 183 -13.44 9.05 8.22
CA GLU A 183 -14.34 9.84 7.39
C GLU A 183 -13.98 9.70 5.91
N GLY A 184 -13.07 8.78 5.59
CA GLY A 184 -12.77 8.47 4.20
C GLY A 184 -14.00 7.93 3.45
N VAL A 185 -13.92 7.89 2.12
CA VAL A 185 -15.02 7.41 1.27
C VAL A 185 -15.44 5.95 1.59
N ASN A 186 -14.49 5.11 2.01
CA ASN A 186 -14.82 3.77 2.51
C ASN A 186 -14.61 3.63 4.05
N GLY A 187 -14.85 4.73 4.77
CA GLY A 187 -14.68 4.76 6.23
C GLY A 187 -15.36 3.62 6.96
N GLU A 188 -16.57 3.28 6.54
CA GLU A 188 -17.30 2.16 7.13
C GLU A 188 -16.57 0.84 6.97
N ASP A 189 -16.06 0.55 5.77
CA ASP A 189 -15.23 -0.65 5.52
C ASP A 189 -13.96 -0.65 6.40
N LEU A 190 -13.31 0.50 6.51
CA LEU A 190 -12.06 0.62 7.29
C LEU A 190 -12.32 0.40 8.78
N VAL A 191 -13.42 0.96 9.29
CA VAL A 191 -13.80 0.76 10.69
C VAL A 191 -14.12 -0.71 10.97
N ARG A 192 -14.84 -1.34 10.04
N ARG A 192 -14.83 -1.36 10.05
CA ARG A 192 -15.24 -2.74 10.15
CA ARG A 192 -15.22 -2.75 10.21
C ARG A 192 -14.04 -3.69 10.11
C ARG A 192 -14.03 -3.69 10.12
N LEU A 193 -13.12 -3.44 9.19
CA LEU A 193 -11.95 -4.32 8.97
C LEU A 193 -10.71 -4.01 9.84
N ALA A 194 -10.58 -2.79 10.35
CA ALA A 194 -9.43 -2.43 11.22
C ALA A 194 -9.15 -3.45 12.34
N PRO A 195 -10.22 -3.97 13.00
CA PRO A 195 -9.96 -4.94 14.08
C PRO A 195 -9.30 -6.22 13.58
N GLN A 196 -9.45 -6.50 12.28
CA GLN A 196 -8.93 -7.73 11.68
C GLN A 196 -7.50 -7.57 11.17
N VAL A 197 -6.93 -6.37 11.27
CA VAL A 197 -5.53 -6.17 10.98
C VAL A 197 -4.75 -6.61 12.22
N THR A 198 -4.05 -7.73 12.12
CA THR A 198 -3.42 -8.29 13.32
C THR A 198 -1.89 -8.37 13.24
N CYS A 199 -1.32 -7.92 12.12
CA CYS A 199 0.12 -7.92 11.91
C CYS A 199 0.72 -6.58 12.42
N PRO A 200 2.05 -6.47 12.46
CA PRO A 200 2.61 -5.17 12.87
C PRO A 200 2.30 -4.08 11.86
N VAL A 201 2.08 -2.88 12.39
CA VAL A 201 1.72 -1.72 11.64
C VAL A 201 2.47 -0.46 12.11
N ARG A 202 2.97 0.29 11.15
CA ARG A 202 3.37 1.67 11.39
C ARG A 202 2.38 2.52 10.63
N TYR A 203 1.84 3.51 11.31
CA TYR A 203 0.80 4.37 10.77
C TYR A 203 1.34 5.80 10.79
N LEU A 204 1.20 6.52 9.66
CA LEU A 204 1.60 7.91 9.58
C LEU A 204 0.40 8.84 9.50
N LEU A 205 0.44 9.93 10.27
CA LEU A 205 -0.53 11.02 10.12
C LEU A 205 0.17 12.37 10.04
N GLN A 206 -0.51 13.30 9.36
CA GLN A 206 -0.09 14.69 9.28
C GLN A 206 -0.97 15.53 10.14
N TRP A 207 -0.35 16.29 11.05
CA TRP A 207 -1.07 17.10 12.03
C TRP A 207 -2.11 18.02 11.37
N ASP A 208 -1.65 18.74 10.34
CA ASP A 208 -2.45 19.78 9.66
C ASP A 208 -3.03 19.28 8.33
N ASP A 209 -3.19 17.96 8.20
CA ASP A 209 -3.82 17.32 7.03
C ASP A 209 -5.20 17.92 6.74
N GLU A 210 -5.31 18.58 5.60
CA GLU A 210 -6.52 19.23 5.16
C GLU A 210 -7.56 18.28 4.58
N LEU A 211 -7.16 17.05 4.28
CA LEU A 211 -8.08 16.03 3.75
C LEU A 211 -8.55 15.01 4.79
N VAL A 212 -7.74 14.82 5.83
CA VAL A 212 -8.02 13.81 6.85
C VAL A 212 -7.78 14.49 8.18
N SER A 213 -8.85 14.72 8.95
CA SER A 213 -8.65 15.37 10.25
C SER A 213 -7.82 14.45 11.14
N LEU A 214 -6.99 15.05 11.96
CA LEU A 214 -6.18 14.32 12.91
C LEU A 214 -7.06 13.43 13.78
N GLN A 215 -8.19 13.94 14.29
CA GLN A 215 -9.04 13.06 15.11
C GLN A 215 -9.59 11.83 14.35
N SER A 216 -10.01 12.01 13.09
N SER A 216 -10.00 12.02 13.10
CA SER A 216 -10.49 10.88 12.29
CA SER A 216 -10.50 10.91 12.26
C SER A 216 -9.38 9.85 12.05
C SER A 216 -9.39 9.87 12.03
N GLY A 217 -8.16 10.35 11.87
CA GLY A 217 -7.00 9.48 11.70
C GLY A 217 -6.69 8.74 13.00
N LEU A 218 -6.72 9.44 14.12
CA LEU A 218 -6.53 8.81 15.42
C LEU A 218 -7.58 7.73 15.66
N GLU A 219 -8.82 8.03 15.33
CA GLU A 219 -9.87 7.08 15.56
C GLU A 219 -9.59 5.77 14.79
N LEU A 220 -9.17 5.85 13.53
CA LEU A 220 -8.91 4.64 12.76
C LEU A 220 -7.71 3.87 13.32
N PHE A 221 -6.63 4.56 13.68
CA PHE A 221 -5.48 3.92 14.29
C PHE A 221 -5.89 3.13 15.55
N GLY A 222 -6.75 3.75 16.37
CA GLY A 222 -7.23 3.12 17.59
C GLY A 222 -7.95 1.80 17.36
N LYS A 223 -8.64 1.70 16.22
CA LYS A 223 -9.47 0.54 15.88
C LYS A 223 -8.67 -0.62 15.31
N LEU A 224 -7.42 -0.37 14.89
CA LEU A 224 -6.56 -1.45 14.42
C LEU A 224 -6.40 -2.51 15.52
N GLY A 225 -6.55 -3.77 15.14
CA GLY A 225 -6.61 -4.87 16.11
C GLY A 225 -5.27 -5.18 16.76
N THR A 226 -4.20 -5.05 15.97
CA THR A 226 -2.86 -5.40 16.43
C THR A 226 -2.40 -4.58 17.62
N LYS A 227 -1.65 -5.23 18.50
CA LYS A 227 -1.02 -4.55 19.61
C LYS A 227 0.35 -4.03 19.19
N GLN A 228 0.86 -4.55 18.07
CA GLN A 228 2.16 -4.14 17.58
CA GLN A 228 2.16 -4.16 17.56
C GLN A 228 1.95 -3.05 16.53
N LYS A 229 1.31 -1.96 16.94
CA LYS A 229 1.08 -0.81 16.05
C LYS A 229 1.75 0.42 16.64
N THR A 230 2.35 1.25 15.80
N THR A 230 2.26 1.29 15.79
CA THR A 230 2.91 2.52 16.26
CA THR A 230 2.92 2.52 16.22
C THR A 230 2.44 3.62 15.31
C THR A 230 2.53 3.67 15.29
N LEU A 231 2.17 4.81 15.88
CA LEU A 231 1.66 5.96 15.13
C LEU A 231 2.75 7.01 15.14
N HIS A 232 3.10 7.53 13.95
CA HIS A 232 4.03 8.67 13.86
C HIS A 232 3.27 9.87 13.31
N VAL A 233 3.29 10.98 14.02
CA VAL A 233 2.61 12.19 13.56
C VAL A 233 3.58 13.31 13.37
N ASN A 234 3.52 13.98 12.21
CA ASN A 234 4.38 15.08 11.91
C ASN A 234 3.57 16.31 11.54
N PRO A 235 4.15 17.50 11.70
CA PRO A 235 3.42 18.73 11.36
C PRO A 235 3.23 18.85 9.86
N GLY A 236 2.22 19.62 9.47
CA GLY A 236 2.07 19.92 8.06
C GLY A 236 0.85 19.34 7.39
N LYS A 237 0.77 19.69 6.11
CA LYS A 237 -0.38 19.37 5.31
C LYS A 237 -0.28 17.95 4.76
N HIS A 238 -1.32 17.54 4.06
CA HIS A 238 -1.43 16.20 3.52
C HIS A 238 -0.24 15.70 2.70
N SER A 239 0.32 16.58 1.86
N SER A 239 0.32 16.56 1.85
CA SER A 239 1.40 16.21 0.96
CA SER A 239 1.43 16.17 0.97
C SER A 239 2.80 16.42 1.55
C SER A 239 2.77 16.67 1.49
N ALA A 240 2.88 16.82 2.80
CA ALA A 240 4.11 17.30 3.42
C ALA A 240 4.69 16.32 4.47
N VAL A 241 4.47 15.01 4.30
CA VAL A 241 5.16 14.04 5.15
C VAL A 241 6.65 14.30 5.00
N PRO A 242 7.40 14.44 6.10
CA PRO A 242 8.84 14.65 5.95
C PRO A 242 9.49 13.55 5.11
N THR A 243 10.45 13.91 4.25
CA THR A 243 10.96 12.90 3.33
C THR A 243 11.71 11.77 4.05
N TRP A 244 12.39 12.10 5.15
CA TRP A 244 13.06 11.10 6.00
C TRP A 244 12.10 10.11 6.65
N GLU A 245 10.86 10.51 6.84
CA GLU A 245 9.80 9.67 7.37
C GLU A 245 9.27 8.82 6.24
N MET A 246 8.96 9.44 5.10
N MET A 246 9.00 9.49 5.12
CA MET A 246 8.37 8.71 3.97
CA MET A 246 8.42 8.85 3.94
C MET A 246 9.32 7.72 3.33
C MET A 246 9.31 7.76 3.35
N PHE A 247 10.61 8.07 3.24
CA PHE A 247 11.57 7.21 2.58
C PHE A 247 12.36 6.38 3.57
N ALA A 248 13.47 6.91 4.09
CA ALA A 248 14.35 6.13 5.02
C ALA A 248 13.49 5.44 6.09
N GLY A 249 12.62 6.22 6.72
CA GLY A 249 11.80 5.72 7.85
C GLY A 249 10.98 4.50 7.49
N THR A 250 10.19 4.60 6.43
CA THR A 250 9.32 3.49 6.07
C THR A 250 10.12 2.30 5.53
N VAL A 251 11.19 2.58 4.79
CA VAL A 251 11.99 1.51 4.22
C VAL A 251 12.73 0.72 5.30
N ASP A 252 13.37 1.43 6.23
CA ASP A 252 13.99 0.79 7.39
C ASP A 252 12.98 -0.04 8.22
N TYR A 253 11.77 0.49 8.41
CA TYR A 253 10.73 -0.21 9.16
C TYR A 253 10.32 -1.54 8.49
N LEU A 254 10.08 -1.51 7.19
CA LEU A 254 9.74 -2.72 6.47
C LEU A 254 10.92 -3.69 6.42
N ASP A 255 12.13 -3.19 6.15
CA ASP A 255 13.33 -4.02 6.07
C ASP A 255 13.56 -4.81 7.38
N GLN A 256 13.40 -4.13 8.51
CA GLN A 256 13.59 -4.71 9.84
C GLN A 256 12.45 -5.66 10.23
N ARG A 257 11.21 -5.28 9.88
CA ARG A 257 10.00 -5.95 10.37
C ARG A 257 9.55 -7.08 9.44
N LEU A 258 9.88 -7.00 8.15
CA LEU A 258 9.48 -8.01 7.17
C LEU A 258 10.45 -9.19 7.20
N LYS A 259 9.97 -10.29 7.76
CA LYS A 259 10.74 -11.51 7.92
C LYS A 259 9.81 -12.72 7.75
ZN ZN B . 8.75 8.49 12.10
ZN ZN C . 0.07 5.22 -10.50
ZN ZN D . -2.36 19.33 0.41
#